data_9LRI
#
_entry.id   9LRI
#
_cell.length_a   35.261
_cell.length_b   46.058
_cell.length_c   56.885
_cell.angle_alpha   97.340
_cell.angle_beta   92.530
_cell.angle_gamma   112.693
#
_symmetry.space_group_name_H-M   'P 1'
#
loop_
_entity.id
_entity.type
_entity.pdbx_description
1 polymer 'Probable DNA/RNA-binding protein (Jag-related protein)'
2 polymer "RNA (5'-R(P*CP*CP*CP*CP*CP*CP*C)-3')"
3 non-polymer "CYTIDINE-5'-MONOPHOSPHATE"
4 water water
#
loop_
_entity_poly.entity_id
_entity_poly.type
_entity_poly.pdbx_seq_one_letter_code
_entity_poly.pdbx_strand_id
1 'polypeptide(L)'
;MNERKKSIDELLSDLGVLEEAPVEVELKESGTPEAQGDPRAFLEEFLGGLLLLLDPGHRLEVRVEGETLKAEVKGGDLGR
FIGKEGRTLRAVEHLARVVLARRFGTGYRLVLDAAGYRSRAEARIRRLAEEAALTVAMTGEPLHLPPMPPGERRIVHMLL
KNHPRVTTESQGEGEERHVVVYPRREAQG
;
B,A
2 'polyribonucleotide' CCCCCCCCCC C
#
# COMPACT_ATOMS: atom_id res chain seq x y z
N ASP A 38 -9.84 26.36 -9.43
CA ASP A 38 -10.55 26.05 -8.17
C ASP A 38 -10.25 24.62 -7.71
N PRO A 39 -9.59 24.44 -6.54
CA PRO A 39 -9.26 23.11 -6.02
C PRO A 39 -10.45 22.19 -5.84
N ARG A 40 -11.57 22.71 -5.36
CA ARG A 40 -12.76 21.89 -5.20
C ARG A 40 -13.23 21.37 -6.56
N ALA A 41 -13.37 22.26 -7.53
CA ALA A 41 -13.90 21.86 -8.83
C ALA A 41 -12.96 20.83 -9.48
N PHE A 42 -11.65 21.00 -9.28
CA PHE A 42 -10.67 20.09 -9.82
C PHE A 42 -10.86 18.71 -9.21
N LEU A 43 -10.93 18.64 -7.89
CA LEU A 43 -11.17 17.37 -7.22
C LEU A 43 -12.49 16.75 -7.66
N GLU A 44 -13.51 17.56 -7.91
CA GLU A 44 -14.81 17.04 -8.32
C GLU A 44 -14.68 16.32 -9.67
N GLU A 45 -14.02 16.94 -10.63
CA GLU A 45 -13.87 16.36 -11.95
C GLU A 45 -12.98 15.12 -11.85
N PHE A 46 -11.86 15.23 -11.15
CA PHE A 46 -10.94 14.10 -11.02
C PHE A 46 -11.59 12.95 -10.26
N LEU A 47 -12.07 13.19 -9.05
CA LEU A 47 -12.64 12.11 -8.27
C LEU A 47 -13.93 11.60 -8.92
N GLY A 48 -14.74 12.47 -9.52
CA GLY A 48 -15.90 12.05 -10.27
C GLY A 48 -15.53 11.11 -11.43
N GLY A 49 -14.39 11.38 -12.09
CA GLY A 49 -13.91 10.49 -13.13
C GLY A 49 -13.66 9.08 -12.62
N LEU A 50 -12.95 8.97 -11.48
CA LEU A 50 -12.62 7.65 -10.99
C LEU A 50 -13.89 6.96 -10.51
N LEU A 51 -14.74 7.69 -9.79
CA LEU A 51 -15.92 7.10 -9.19
C LEU A 51 -16.78 6.42 -10.26
N LEU A 52 -16.90 7.04 -11.44
CA LEU A 52 -17.68 6.47 -12.53
C LEU A 52 -17.16 5.08 -12.87
N LEU A 53 -15.82 4.95 -12.96
CA LEU A 53 -15.24 3.67 -13.34
C LEU A 53 -15.32 2.66 -12.20
N LEU A 54 -15.47 3.15 -10.96
CA LEU A 54 -15.51 2.27 -9.81
C LEU A 54 -16.92 1.74 -9.59
N ASP A 55 -17.91 2.63 -9.57
CA ASP A 55 -19.27 2.20 -9.33
C ASP A 55 -20.20 3.34 -9.73
N PRO A 56 -21.18 3.11 -10.64
CA PRO A 56 -22.08 4.18 -11.05
C PRO A 56 -22.97 4.68 -9.91
N GLY A 57 -23.08 3.92 -8.83
CA GLY A 57 -23.86 4.33 -7.68
C GLY A 57 -23.14 5.35 -6.78
N HIS A 58 -21.79 5.44 -6.92
CA HIS A 58 -21.01 6.36 -6.11
C HIS A 58 -21.43 7.78 -6.46
N ARG A 59 -21.56 8.62 -5.44
CA ARG A 59 -21.69 10.05 -5.63
C ARG A 59 -20.76 10.77 -4.64
N LEU A 60 -20.38 11.99 -4.99
CA LEU A 60 -19.27 12.67 -4.34
C LEU A 60 -19.74 14.01 -3.75
N GLU A 61 -19.24 14.30 -2.54
CA GLU A 61 -19.31 15.65 -1.97
C GLU A 61 -17.89 16.07 -1.57
N VAL A 62 -17.45 17.24 -2.05
CA VAL A 62 -16.17 17.81 -1.67
C VAL A 62 -16.41 19.13 -0.96
N ARG A 63 -15.83 19.28 0.23
CA ARG A 63 -15.99 20.48 1.04
C ARG A 63 -14.67 20.78 1.73
N VAL A 64 -14.49 22.04 2.12
CA VAL A 64 -13.34 22.44 2.91
C VAL A 64 -13.77 22.58 4.37
N GLU A 65 -12.91 22.16 5.30
CA GLU A 65 -13.18 22.16 6.72
C GLU A 65 -11.89 22.50 7.44
N GLY A 66 -11.75 23.77 7.83
CA GLY A 66 -10.47 24.31 8.26
C GLY A 66 -9.46 24.25 7.12
N GLU A 67 -8.26 23.72 7.41
CA GLU A 67 -7.20 23.64 6.41
C GLU A 67 -7.35 22.39 5.54
N THR A 68 -8.41 21.59 5.76
CA THR A 68 -8.45 20.25 5.20
C THR A 68 -9.57 20.19 4.17
N LEU A 69 -9.19 19.74 2.96
CA LEU A 69 -10.15 19.41 1.93
C LEU A 69 -10.68 18.01 2.18
N LYS A 70 -12.02 17.88 2.28
CA LYS A 70 -12.63 16.62 2.68
C LYS A 70 -13.53 16.08 1.57
N ALA A 71 -13.29 14.84 1.16
CA ALA A 71 -14.01 14.24 0.03
C ALA A 71 -14.76 13.02 0.54
N GLU A 72 -16.09 13.06 0.42
CA GLU A 72 -16.97 12.06 0.97
C GLU A 72 -17.60 11.32 -0.20
N VAL A 73 -17.60 9.99 -0.13
CA VAL A 73 -18.20 9.16 -1.16
C VAL A 73 -19.39 8.43 -0.54
N LYS A 74 -20.54 8.50 -1.22
CA LYS A 74 -21.73 7.76 -0.83
C LYS A 74 -22.28 6.94 -2.02
N GLY A 75 -23.02 5.88 -1.68
CA GLY A 75 -23.84 5.16 -2.65
C GLY A 75 -23.13 3.97 -3.26
N GLY A 76 -23.87 2.86 -3.40
CA GLY A 76 -23.33 1.63 -3.93
C GLY A 76 -22.64 0.80 -2.85
N ASP A 77 -21.92 -0.23 -3.30
CA ASP A 77 -21.24 -1.10 -2.36
C ASP A 77 -19.96 -0.36 -1.96
N LEU A 78 -20.00 0.23 -0.76
CA LEU A 78 -18.93 1.09 -0.30
C LEU A 78 -17.72 0.29 0.16
N GLY A 79 -17.94 -0.86 0.77
CA GLY A 79 -16.84 -1.71 1.16
C GLY A 79 -15.95 -2.07 -0.02
N ARG A 80 -16.59 -2.23 -1.18
CA ARG A 80 -15.85 -2.45 -2.42
C ARG A 80 -15.03 -1.20 -2.76
N PHE A 81 -15.59 -0.01 -2.50
CA PHE A 81 -14.84 1.22 -2.70
C PHE A 81 -13.71 1.31 -1.67
N ILE A 82 -13.96 0.92 -0.42
CA ILE A 82 -12.94 1.03 0.60
C ILE A 82 -11.84 0.00 0.32
N GLY A 83 -12.25 -1.24 0.11
CA GLY A 83 -11.28 -2.30 -0.14
C GLY A 83 -10.72 -2.83 1.17
N LYS A 84 -10.08 -4.01 1.08
CA LYS A 84 -9.48 -4.66 2.24
C LYS A 84 -8.50 -3.71 2.94
N GLU A 85 -8.80 -3.36 4.20
CA GLU A 85 -7.94 -2.53 5.02
C GLU A 85 -7.83 -1.10 4.49
N GLY A 86 -8.87 -0.61 3.82
CA GLY A 86 -8.86 0.73 3.27
C GLY A 86 -7.83 0.89 2.14
N ARG A 87 -7.51 -0.20 1.44
CA ARG A 87 -6.40 -0.15 0.50
C ARG A 87 -6.80 0.63 -0.75
N THR A 88 -8.06 0.49 -1.16
CA THR A 88 -8.48 1.20 -2.37
C THR A 88 -8.70 2.67 -2.06
N LEU A 89 -9.34 2.94 -0.92
CA LEU A 89 -9.62 4.30 -0.53
C LEU A 89 -8.32 5.09 -0.36
N ARG A 90 -7.28 4.44 0.15
CA ARG A 90 -6.00 5.13 0.33
C ARG A 90 -5.35 5.41 -1.03
N ALA A 91 -5.43 4.47 -1.97
CA ALA A 91 -4.82 4.67 -3.26
C ALA A 91 -5.47 5.87 -3.94
N VAL A 92 -6.80 5.95 -3.88
CA VAL A 92 -7.47 7.12 -4.43
C VAL A 92 -7.05 8.39 -3.69
N GLU A 93 -7.13 8.39 -2.35
CA GLU A 93 -6.75 9.53 -1.56
C GLU A 93 -5.31 9.98 -1.84
N HIS A 94 -4.37 9.02 -1.90
CA HIS A 94 -2.99 9.36 -2.20
C HIS A 94 -2.86 10.03 -3.58
N LEU A 95 -3.39 9.39 -4.62
CA LEU A 95 -3.30 9.93 -5.95
C LEU A 95 -4.03 11.26 -6.04
N ALA A 96 -5.15 11.38 -5.33
CA ALA A 96 -5.87 12.63 -5.31
C ALA A 96 -4.97 13.72 -4.74
N ARG A 97 -4.25 13.39 -3.68
CA ARG A 97 -3.35 14.35 -3.07
C ARG A 97 -2.27 14.79 -4.05
N VAL A 98 -1.71 13.84 -4.81
CA VAL A 98 -0.59 14.14 -5.67
C VAL A 98 -1.01 15.01 -6.84
N VAL A 99 -2.08 14.64 -7.53
CA VAL A 99 -2.55 15.46 -8.65
C VAL A 99 -2.99 16.83 -8.12
N LEU A 100 -3.49 16.89 -6.88
CA LEU A 100 -3.82 18.15 -6.25
C LEU A 100 -2.55 19.00 -6.04
N ALA A 101 -1.49 18.41 -5.49
CA ALA A 101 -0.24 19.13 -5.30
C ALA A 101 0.32 19.58 -6.65
N ARG A 102 0.25 18.72 -7.68
CA ARG A 102 0.92 19.00 -8.94
C ARG A 102 0.27 20.19 -9.65
N ARG A 103 -1.00 20.47 -9.37
CA ARG A 103 -1.72 21.53 -10.06
C ARG A 103 -1.74 22.82 -9.23
N PHE A 104 -1.85 22.70 -7.90
CA PHE A 104 -2.11 23.86 -7.05
C PHE A 104 -0.99 24.08 -6.03
N GLY A 105 -0.14 23.08 -5.79
CA GLY A 105 1.01 23.27 -4.90
C GLY A 105 0.84 22.57 -3.56
N THR A 106 1.81 22.79 -2.67
CA THR A 106 1.85 22.17 -1.36
C THR A 106 0.96 22.93 -0.39
N GLY A 107 0.72 22.33 0.77
CA GLY A 107 0.02 23.02 1.86
C GLY A 107 -1.40 22.49 2.08
N TYR A 108 -1.95 21.80 1.07
CA TYR A 108 -3.27 21.23 1.16
C TYR A 108 -3.23 20.00 2.06
N ARG A 109 -4.28 19.82 2.86
CA ARG A 109 -4.59 18.57 3.54
C ARG A 109 -5.85 18.04 2.87
N LEU A 110 -5.81 16.80 2.43
CA LEU A 110 -6.97 16.14 1.83
C LEU A 110 -7.20 14.83 2.55
N VAL A 111 -8.46 14.61 2.96
CA VAL A 111 -8.85 13.35 3.57
C VAL A 111 -10.07 12.86 2.82
N LEU A 112 -10.06 11.57 2.44
CA LEU A 112 -11.15 10.95 1.72
C LEU A 112 -11.84 9.96 2.65
N ASP A 113 -13.16 9.92 2.61
CA ASP A 113 -13.89 9.09 3.56
C ASP A 113 -15.12 8.47 2.93
N ALA A 114 -15.56 7.34 3.52
CA ALA A 114 -16.75 6.65 3.05
C ALA A 114 -17.44 5.97 4.22
N ALA A 115 -18.73 6.29 4.42
CA ALA A 115 -19.58 5.66 5.43
C ALA A 115 -18.91 5.60 6.81
N GLY A 116 -18.34 6.75 7.22
CA GLY A 116 -17.65 6.87 8.51
C GLY A 116 -16.56 5.82 8.71
N TYR A 117 -15.82 5.48 7.66
CA TYR A 117 -14.78 4.48 7.76
C TYR A 117 -13.56 5.07 8.49
N ARG A 118 -13.30 6.37 8.35
CA ARG A 118 -12.20 7.01 9.06
C ARG A 118 -12.42 6.92 10.57
N SER A 119 -13.63 7.27 11.04
CA SER A 119 -13.98 7.19 12.45
C SER A 119 -13.69 5.79 13.00
N ARG A 120 -14.23 4.78 12.33
CA ARG A 120 -14.07 3.40 12.77
C ARG A 120 -12.59 3.05 12.84
N ALA A 121 -11.79 3.55 11.89
CA ALA A 121 -10.37 3.21 11.88
C ALA A 121 -9.64 3.94 13.02
N GLU A 122 -10.04 5.17 13.33
CA GLU A 122 -9.49 5.89 14.46
C GLU A 122 -9.89 5.21 15.77
N ALA A 123 -11.15 4.75 15.87
CA ALA A 123 -11.64 4.10 17.08
C ALA A 123 -10.86 2.82 17.32
N ARG A 124 -10.66 2.04 16.26
CA ARG A 124 -9.88 0.81 16.37
C ARG A 124 -8.46 1.13 16.75
N ILE A 125 -7.95 2.27 16.26
CA ILE A 125 -6.60 2.71 16.60
C ILE A 125 -6.56 3.19 18.05
N ARG A 126 -7.62 3.88 18.49
CA ARG A 126 -7.71 4.32 19.88
C ARG A 126 -7.76 3.09 20.78
N ARG A 127 -8.54 2.08 20.38
CA ARG A 127 -8.40 0.74 20.95
C ARG A 127 -7.02 0.23 20.55
N LEU A 128 -6.56 -0.87 21.15
CA LEU A 128 -5.24 -1.40 20.84
C LEU A 128 -4.14 -0.50 21.40
N ALA A 129 -4.27 0.82 21.23
CA ALA A 129 -3.42 1.80 21.91
C ALA A 129 -3.79 1.91 23.40
N GLU A 130 -5.09 1.97 23.69
CA GLU A 130 -5.58 1.87 25.06
C GLU A 130 -5.21 0.49 25.60
N GLU A 131 -5.17 -0.52 24.72
CA GLU A 131 -4.75 -1.85 25.12
C GLU A 131 -3.24 -1.87 25.40
N ALA A 132 -2.48 -1.07 24.65
CA ALA A 132 -1.04 -1.03 24.83
C ALA A 132 -0.67 -0.48 26.22
N ALA A 133 -1.31 0.62 26.59
CA ALA A 133 -1.12 1.20 27.91
C ALA A 133 -1.55 0.25 29.03
N LEU A 134 -2.41 -0.73 28.71
CA LEU A 134 -2.77 -1.77 29.67
C LEU A 134 -1.62 -2.76 29.87
N THR A 135 -1.09 -3.31 28.76
CA THR A 135 -0.05 -4.32 28.84
C THR A 135 1.22 -3.73 29.45
N VAL A 136 1.61 -2.53 28.98
CA VAL A 136 2.82 -1.89 29.46
C VAL A 136 2.68 -1.52 30.93
N ALA A 137 1.43 -1.37 31.41
CA ALA A 137 1.19 -1.03 32.80
C ALA A 137 1.65 -2.18 33.69
N MET A 138 1.28 -3.41 33.30
CA MET A 138 1.68 -4.59 34.05
C MET A 138 3.16 -4.87 33.80
N THR A 139 3.45 -5.41 32.61
CA THR A 139 4.81 -5.71 32.21
C THR A 139 5.57 -4.38 32.12
N GLY A 140 6.58 -4.20 32.96
CA GLY A 140 7.39 -3.00 32.88
C GLY A 140 8.20 -2.90 31.58
N GLU A 141 8.03 -3.84 30.65
CA GLU A 141 8.75 -3.82 29.38
C GLU A 141 7.97 -2.99 28.36
N PRO A 142 8.64 -2.12 27.58
CA PRO A 142 7.99 -1.39 26.48
C PRO A 142 7.25 -2.31 25.51
N LEU A 143 6.39 -1.70 24.69
CA LEU A 143 5.60 -2.40 23.69
C LEU A 143 5.71 -1.66 22.37
N HIS A 144 6.02 -2.42 21.32
CA HIS A 144 6.13 -1.87 19.98
C HIS A 144 4.82 -2.08 19.25
N LEU A 145 4.22 -0.97 18.82
CA LEU A 145 3.01 -1.00 18.02
C LEU A 145 3.38 -1.26 16.57
N PRO A 146 2.41 -1.71 15.75
CA PRO A 146 2.63 -1.91 14.32
C PRO A 146 2.94 -0.59 13.63
N PRO A 147 3.67 -0.66 12.49
CA PRO A 147 3.88 0.51 11.65
C PRO A 147 2.58 1.20 11.30
N MET A 148 2.63 2.54 11.27
CA MET A 148 1.47 3.33 10.89
C MET A 148 1.97 4.59 10.19
N PRO A 149 1.16 5.20 9.29
CA PRO A 149 1.49 6.51 8.73
C PRO A 149 1.43 7.56 9.85
N PRO A 150 2.07 8.72 9.67
CA PRO A 150 2.13 9.73 10.73
C PRO A 150 0.76 10.14 11.29
N GLY A 151 -0.27 10.20 10.45
CA GLY A 151 -1.60 10.60 10.90
C GLY A 151 -2.18 9.62 11.93
N GLU A 152 -1.75 8.35 11.87
CA GLU A 152 -2.24 7.34 12.79
C GLU A 152 -1.36 7.25 14.04
N ARG A 153 -0.05 7.40 13.87
CA ARG A 153 0.81 7.55 15.02
C ARG A 153 0.39 8.77 15.85
N ARG A 154 -0.03 9.85 15.19
CA ARG A 154 -0.47 11.05 15.88
C ARG A 154 -1.62 10.72 16.84
N ILE A 155 -2.55 9.88 16.39
CA ILE A 155 -3.71 9.56 17.20
C ILE A 155 -3.26 8.86 18.48
N VAL A 156 -2.30 7.94 18.35
CA VAL A 156 -1.77 7.21 19.50
C VAL A 156 -1.17 8.20 20.50
N HIS A 157 -0.28 9.06 20.03
CA HIS A 157 0.33 10.08 20.87
C HIS A 157 -0.75 10.87 21.59
N MET A 158 -1.81 11.25 20.85
CA MET A 158 -2.84 12.17 21.34
C MET A 158 -3.69 11.52 22.43
N LEU A 159 -4.06 10.26 22.25
CA LEU A 159 -4.86 9.57 23.25
C LEU A 159 -4.06 9.42 24.55
N LEU A 160 -2.82 8.92 24.46
CA LEU A 160 -1.99 8.67 25.63
C LEU A 160 -1.30 9.95 26.13
N LYS A 161 -1.88 11.12 25.80
CA LYS A 161 -1.39 12.40 26.30
C LYS A 161 -1.71 12.49 27.79
N ASN A 162 -0.66 12.69 28.59
CA ASN A 162 -0.75 12.80 30.03
C ASN A 162 -1.38 11.55 30.65
N HIS A 163 -1.08 10.39 30.06
CA HIS A 163 -1.44 9.14 30.68
C HIS A 163 -0.60 8.96 31.93
N PRO A 164 -1.18 8.50 33.06
CA PRO A 164 -0.45 8.37 34.30
C PRO A 164 0.62 7.27 34.35
N ARG A 165 0.66 6.35 33.37
CA ARG A 165 1.56 5.21 33.45
C ARG A 165 2.46 5.06 32.23
N VAL A 166 2.05 5.58 31.07
CA VAL A 166 2.77 5.31 29.84
C VAL A 166 3.08 6.62 29.13
N THR A 167 4.15 6.57 28.34
CA THR A 167 4.51 7.61 27.38
C THR A 167 4.62 6.99 25.98
N THR A 168 4.74 7.85 24.97
CA THR A 168 4.86 7.40 23.59
C THR A 168 6.05 8.08 22.93
N GLU A 169 6.69 7.38 21.99
CA GLU A 169 7.77 7.91 21.17
C GLU A 169 8.06 6.95 19.99
N SER A 170 8.19 7.52 18.78
CA SER A 170 8.23 6.71 17.56
C SER A 170 9.66 6.27 17.28
N GLN A 171 9.77 5.25 16.44
CA GLN A 171 11.04 4.62 16.12
C GLN A 171 11.03 4.14 14.68
N GLY A 172 12.23 3.99 14.09
CA GLY A 172 12.38 3.48 12.74
C GLY A 172 12.02 4.53 11.71
N GLU A 173 12.22 4.20 10.44
CA GLU A 173 12.08 5.18 9.37
C GLU A 173 11.26 4.62 8.22
N GLY A 174 10.40 5.47 7.65
CA GLY A 174 9.57 5.11 6.52
C GLY A 174 8.38 4.23 6.92
N GLU A 175 8.10 3.22 6.10
CA GLU A 175 7.04 2.26 6.37
C GLU A 175 7.38 1.43 7.61
N GLU A 176 8.62 1.54 8.12
CA GLU A 176 9.01 0.87 9.34
C GLU A 176 8.49 1.63 10.57
N ARG A 177 8.34 2.97 10.46
CA ARG A 177 8.18 3.83 11.64
C ARG A 177 6.89 3.51 12.39
N HIS A 178 7.00 3.42 13.72
CA HIS A 178 5.92 2.98 14.58
C HIS A 178 6.04 3.60 15.96
N VAL A 179 4.92 3.63 16.67
CA VAL A 179 4.90 4.18 18.02
C VAL A 179 5.31 3.09 19.00
N VAL A 180 6.11 3.49 20.00
CA VAL A 180 6.45 2.61 21.10
C VAL A 180 5.81 3.15 22.37
N VAL A 181 5.11 2.25 23.10
CA VAL A 181 4.53 2.61 24.37
C VAL A 181 5.55 2.26 25.44
N TYR A 182 5.97 3.28 26.18
CA TYR A 182 6.97 3.14 27.23
C TYR A 182 6.31 3.33 28.59
N PRO A 183 6.81 2.64 29.64
CA PRO A 183 6.36 2.91 31.00
C PRO A 183 7.05 4.13 31.60
N ARG A 184 6.34 4.84 32.48
CA ARG A 184 6.98 5.74 33.43
C ARG A 184 7.62 4.89 34.55
N THR C 32 -14.85 -13.43 -18.94
CA THR C 32 -14.18 -12.10 -19.04
C THR C 32 -13.63 -11.92 -20.44
N PRO C 33 -13.48 -10.68 -20.94
CA PRO C 33 -13.11 -10.46 -22.35
C PRO C 33 -11.61 -10.53 -22.70
N GLU C 34 -11.35 -10.72 -24.00
CA GLU C 34 -10.02 -10.87 -24.56
C GLU C 34 -9.15 -9.68 -24.19
N ALA C 35 -7.90 -9.97 -23.79
CA ALA C 35 -6.95 -8.96 -23.32
C ALA C 35 -6.71 -7.92 -24.42
N GLN C 36 -6.37 -8.37 -25.63
CA GLN C 36 -6.11 -7.49 -26.76
C GLN C 36 -7.44 -6.85 -27.16
N GLY C 37 -7.41 -5.56 -27.55
CA GLY C 37 -8.62 -4.86 -27.94
C GLY C 37 -9.07 -3.87 -26.87
N ASP C 38 -10.31 -4.00 -26.39
CA ASP C 38 -10.86 -3.01 -25.47
C ASP C 38 -10.05 -2.88 -24.19
N PRO C 39 -9.67 -3.99 -23.51
CA PRO C 39 -8.90 -3.85 -22.27
C PRO C 39 -7.59 -3.11 -22.46
N ARG C 40 -6.94 -3.30 -23.61
CA ARG C 40 -5.74 -2.54 -23.93
C ARG C 40 -6.07 -1.05 -24.04
N ALA C 41 -7.06 -0.71 -24.88
CA ALA C 41 -7.40 0.66 -25.17
C ALA C 41 -7.95 1.34 -23.91
N PHE C 42 -8.66 0.57 -23.10
CA PHE C 42 -9.21 1.12 -21.88
C PHE C 42 -8.08 1.59 -20.99
N LEU C 43 -7.10 0.72 -20.77
CA LEU C 43 -6.01 1.06 -19.88
C LEU C 43 -5.19 2.20 -20.46
N GLU C 44 -5.00 2.21 -21.78
CA GLU C 44 -4.30 3.32 -22.42
C GLU C 44 -4.97 4.65 -22.10
N GLU C 45 -6.29 4.75 -22.26
CA GLU C 45 -6.96 6.00 -22.03
C GLU C 45 -6.97 6.36 -20.53
N PHE C 46 -7.19 5.36 -19.67
CA PHE C 46 -7.24 5.63 -18.24
C PHE C 46 -5.89 6.09 -17.72
N LEU C 47 -4.83 5.33 -17.97
CA LEU C 47 -3.51 5.72 -17.50
C LEU C 47 -3.03 7.00 -18.16
N GLY C 48 -3.31 7.17 -19.45
CA GLY C 48 -2.95 8.39 -20.16
C GLY C 48 -3.46 9.65 -19.47
N GLY C 49 -4.71 9.64 -19.02
CA GLY C 49 -5.31 10.78 -18.33
C GLY C 49 -4.67 11.02 -16.97
N LEU C 50 -4.40 9.93 -16.27
CA LEU C 50 -3.74 10.01 -14.98
C LEU C 50 -2.32 10.56 -15.16
N LEU C 51 -1.55 10.01 -16.11
CA LEU C 51 -0.16 10.41 -16.28
C LEU C 51 -0.08 11.87 -16.71
N LEU C 52 -1.10 12.37 -17.43
CA LEU C 52 -1.07 13.74 -17.89
C LEU C 52 -1.04 14.68 -16.68
N LEU C 53 -1.87 14.39 -15.67
CA LEU C 53 -1.93 15.20 -14.48
C LEU C 53 -0.68 15.00 -13.63
N LEU C 54 -0.11 13.80 -13.60
CA LEU C 54 1.08 13.56 -12.79
C LEU C 54 2.28 14.28 -13.39
N ASP C 55 2.46 14.13 -14.70
CA ASP C 55 3.57 14.78 -15.39
C ASP C 55 3.33 14.72 -16.89
N PRO C 56 3.20 15.87 -17.57
CA PRO C 56 2.97 15.88 -19.01
C PRO C 56 4.08 15.21 -19.81
N GLY C 57 5.27 15.05 -19.21
CA GLY C 57 6.39 14.37 -19.85
C GLY C 57 6.24 12.85 -19.92
N HIS C 58 5.29 12.27 -19.18
CA HIS C 58 5.14 10.83 -19.16
C HIS C 58 4.56 10.35 -20.48
N ARG C 59 5.13 9.26 -20.99
CA ARG C 59 4.57 8.47 -22.07
C ARG C 59 4.30 7.07 -21.52
N LEU C 60 3.51 6.30 -22.27
CA LEU C 60 2.96 5.04 -21.80
C LEU C 60 3.07 3.99 -22.91
N GLU C 61 3.71 2.88 -22.60
CA GLU C 61 3.68 1.67 -23.41
C GLU C 61 2.87 0.60 -22.69
N VAL C 62 1.83 0.08 -23.34
CA VAL C 62 1.04 -1.00 -22.79
C VAL C 62 1.21 -2.23 -23.68
N ARG C 63 1.67 -3.33 -23.08
CA ARG C 63 1.97 -4.56 -23.78
C ARG C 63 0.94 -5.62 -23.38
N VAL C 64 0.57 -6.48 -24.33
CA VAL C 64 -0.27 -7.63 -24.02
C VAL C 64 0.61 -8.89 -24.02
N GLU C 65 0.61 -9.62 -22.90
CA GLU C 65 1.33 -10.87 -22.77
C GLU C 65 0.31 -11.98 -22.48
N GLY C 66 0.02 -12.79 -23.49
CA GLY C 66 -1.06 -13.75 -23.41
C GLY C 66 -2.37 -13.02 -23.15
N GLU C 67 -2.98 -13.27 -21.98
CA GLU C 67 -4.20 -12.63 -21.58
C GLU C 67 -3.95 -11.69 -20.39
N THR C 68 -2.68 -11.28 -20.17
CA THR C 68 -2.36 -10.32 -19.12
C THR C 68 -1.97 -9.00 -19.77
N LEU C 69 -1.95 -7.93 -18.97
CA LEU C 69 -1.54 -6.62 -19.41
C LEU C 69 -0.33 -6.16 -18.61
N LYS C 70 0.61 -5.52 -19.32
CA LYS C 70 1.83 -4.96 -18.73
C LYS C 70 1.92 -3.52 -19.22
N ALA C 71 2.38 -2.64 -18.34
CA ALA C 71 2.36 -1.22 -18.64
C ALA C 71 3.61 -0.57 -18.08
N GLU C 72 4.29 0.22 -18.94
CA GLU C 72 5.48 0.95 -18.53
C GLU C 72 5.29 2.45 -18.78
N VAL C 73 5.76 3.22 -17.81
CA VAL C 73 5.71 4.67 -17.84
C VAL C 73 7.12 5.14 -18.10
N LYS C 74 7.27 5.98 -19.13
CA LYS C 74 8.57 6.52 -19.49
C LYS C 74 8.45 8.03 -19.59
N GLY C 75 9.59 8.72 -19.51
CA GLY C 75 9.65 10.15 -19.70
C GLY C 75 9.25 10.91 -18.43
N GLY C 76 9.66 12.16 -18.40
CA GLY C 76 9.45 13.03 -17.26
C GLY C 76 10.30 12.57 -16.10
N ASP C 77 10.00 13.10 -14.91
CA ASP C 77 10.74 12.74 -13.71
C ASP C 77 10.16 11.43 -13.17
N LEU C 78 10.82 10.31 -13.49
CA LEU C 78 10.34 9.00 -13.11
C LEU C 78 10.54 8.75 -11.61
N GLY C 79 11.61 9.30 -11.03
CA GLY C 79 11.75 9.25 -9.59
C GLY C 79 10.50 9.78 -8.86
N ARG C 80 9.97 10.91 -9.37
CA ARG C 80 8.83 11.55 -8.76
C ARG C 80 7.55 10.76 -9.04
N PHE C 81 7.48 10.05 -10.17
CA PHE C 81 6.33 9.20 -10.47
C PHE C 81 6.24 8.06 -9.47
N ILE C 82 7.37 7.42 -9.23
CA ILE C 82 7.44 6.30 -8.29
C ILE C 82 6.97 6.76 -6.92
N GLY C 83 7.47 7.93 -6.45
CA GLY C 83 7.04 8.51 -5.18
C GLY C 83 7.66 7.79 -3.99
N LYS C 84 7.39 8.29 -2.78
CA LYS C 84 8.05 7.77 -1.60
C LYS C 84 7.80 6.27 -1.44
N GLU C 85 8.89 5.49 -1.49
CA GLU C 85 8.83 4.05 -1.24
C GLU C 85 7.90 3.39 -2.25
N GLY C 86 7.72 4.03 -3.41
CA GLY C 86 6.88 3.50 -4.46
C GLY C 86 5.39 3.66 -4.20
N ARG C 87 4.98 4.46 -3.21
CA ARG C 87 3.57 4.57 -2.87
C ARG C 87 2.75 5.00 -4.10
N THR C 88 3.31 5.85 -4.96
CA THR C 88 2.55 6.39 -6.08
C THR C 88 2.39 5.37 -7.21
N LEU C 89 3.49 4.76 -7.64
CA LEU C 89 3.38 3.73 -8.67
C LEU C 89 2.43 2.61 -8.24
N ARG C 90 2.45 2.27 -6.96
CA ARG C 90 1.66 1.17 -6.44
C ARG C 90 0.19 1.54 -6.37
N ALA C 91 -0.10 2.80 -6.02
CA ALA C 91 -1.49 3.23 -5.96
C ALA C 91 -2.08 3.30 -7.37
N VAL C 92 -1.27 3.67 -8.35
CA VAL C 92 -1.72 3.69 -9.73
C VAL C 92 -1.97 2.26 -10.22
N GLU C 93 -1.07 1.34 -9.86
CA GLU C 93 -1.18 -0.05 -10.25
C GLU C 93 -2.46 -0.64 -9.63
N HIS C 94 -2.59 -0.45 -8.32
CA HIS C 94 -3.74 -0.98 -7.61
C HIS C 94 -5.03 -0.47 -8.26
N LEU C 95 -5.12 0.85 -8.43
CA LEU C 95 -6.37 1.46 -8.87
C LEU C 95 -6.67 1.06 -10.30
N ALA C 96 -5.66 1.00 -11.17
CA ALA C 96 -5.86 0.57 -12.54
C ALA C 96 -6.34 -0.87 -12.59
N ARG C 97 -5.79 -1.74 -11.72
CA ARG C 97 -6.25 -3.11 -11.59
C ARG C 97 -7.72 -3.12 -11.19
N VAL C 98 -8.09 -2.33 -10.19
CA VAL C 98 -9.45 -2.38 -9.69
C VAL C 98 -10.43 -1.90 -10.76
N VAL C 99 -10.10 -0.82 -11.48
CA VAL C 99 -11.07 -0.28 -12.44
C VAL C 99 -11.15 -1.19 -13.66
N LEU C 100 -10.06 -1.88 -14.01
CA LEU C 100 -10.12 -2.87 -15.07
C LEU C 100 -11.10 -3.99 -14.67
N ALA C 101 -11.04 -4.43 -13.39
CA ALA C 101 -11.94 -5.49 -12.94
C ALA C 101 -13.38 -5.02 -12.99
N ARG C 102 -13.62 -3.78 -12.57
CA ARG C 102 -14.97 -3.23 -12.63
C ARG C 102 -15.48 -3.17 -14.08
N ARG C 103 -14.59 -2.83 -15.02
CA ARG C 103 -14.98 -2.64 -16.41
C ARG C 103 -15.18 -3.99 -17.11
N PHE C 104 -14.27 -4.95 -16.86
CA PHE C 104 -14.23 -6.16 -17.65
C PHE C 104 -14.46 -7.42 -16.82
N GLY C 105 -14.26 -7.35 -15.50
CA GLY C 105 -14.37 -8.50 -14.64
C GLY C 105 -13.02 -9.05 -14.18
N THR C 106 -11.88 -8.59 -14.75
CA THR C 106 -10.60 -9.03 -14.25
C THR C 106 -9.57 -7.90 -14.33
N GLY C 107 -8.53 -7.99 -13.50
CA GLY C 107 -7.45 -7.03 -13.47
C GLY C 107 -6.35 -7.36 -14.48
N TYR C 108 -6.49 -8.47 -15.22
CA TYR C 108 -5.52 -8.86 -16.24
C TYR C 108 -4.11 -8.96 -15.67
N ARG C 109 -4.01 -9.25 -14.37
CA ARG C 109 -2.74 -9.33 -13.66
C ARG C 109 -1.88 -8.14 -14.03
N LEU C 110 -2.48 -6.96 -14.10
CA LEU C 110 -1.75 -5.80 -14.59
C LEU C 110 -0.52 -5.58 -13.72
N VAL C 111 0.61 -5.34 -14.38
CA VAL C 111 1.86 -5.01 -13.69
C VAL C 111 2.36 -3.70 -14.26
N LEU C 112 2.63 -2.72 -13.37
CA LEU C 112 3.10 -1.40 -13.76
C LEU C 112 4.58 -1.28 -13.39
N ASP C 113 5.35 -0.64 -14.28
CA ASP C 113 6.77 -0.43 -14.05
C ASP C 113 7.20 0.96 -14.51
N ALA C 114 8.31 1.45 -13.93
CA ALA C 114 8.99 2.67 -14.36
C ALA C 114 10.45 2.67 -13.87
N ALA C 115 11.39 3.06 -14.73
CA ALA C 115 12.80 3.21 -14.36
C ALA C 115 13.36 1.97 -13.64
N GLY C 116 12.99 0.77 -14.12
CA GLY C 116 13.38 -0.48 -13.49
C GLY C 116 12.97 -0.57 -12.00
N TYR C 117 11.81 -0.02 -11.63
CA TYR C 117 11.32 -0.14 -10.27
C TYR C 117 11.15 -1.60 -9.88
N ARG C 118 10.34 -2.34 -10.67
CA ARG C 118 9.97 -3.70 -10.32
C ARG C 118 11.21 -4.56 -10.18
N SER C 119 12.22 -4.29 -11.01
CA SER C 119 13.45 -5.06 -10.97
C SER C 119 14.24 -4.79 -9.69
N ARG C 120 14.35 -3.53 -9.28
CA ARG C 120 15.09 -3.18 -8.07
C ARG C 120 14.42 -3.73 -6.82
N ALA C 121 13.08 -3.86 -6.84
CA ALA C 121 12.34 -4.42 -5.70
C ALA C 121 12.44 -5.94 -5.66
N GLU C 122 12.45 -6.59 -6.84
CA GLU C 122 12.70 -8.01 -6.99
C GLU C 122 14.07 -8.35 -6.40
N ALA C 123 15.06 -7.46 -6.60
CA ALA C 123 16.41 -7.66 -6.08
C ALA C 123 16.42 -7.53 -4.54
N ARG C 124 15.79 -6.49 -3.99
CA ARG C 124 15.78 -6.31 -2.55
C ARG C 124 15.21 -7.58 -1.87
N ILE C 125 14.12 -8.12 -2.42
CA ILE C 125 13.50 -9.30 -1.84
C ILE C 125 14.49 -10.46 -1.90
N ARG C 126 15.13 -10.61 -3.07
CA ARG C 126 16.14 -11.65 -3.25
C ARG C 126 17.29 -11.49 -2.25
N ARG C 127 17.63 -10.26 -1.87
CA ARG C 127 18.74 -10.05 -0.95
C ARG C 127 18.40 -10.60 0.43
N LEU C 128 17.19 -10.33 0.91
CA LEU C 128 16.78 -10.79 2.22
C LEU C 128 16.82 -12.31 2.28
N ALA C 129 16.33 -12.96 1.21
CA ALA C 129 16.31 -14.41 1.12
C ALA C 129 17.73 -14.97 1.10
N GLU C 130 18.67 -14.28 0.43
CA GLU C 130 20.05 -14.69 0.39
C GLU C 130 20.65 -14.66 1.80
N GLU C 131 20.61 -13.50 2.46
CA GLU C 131 21.07 -13.37 3.83
C GLU C 131 20.41 -14.40 4.76
N ALA C 132 19.15 -14.74 4.53
CA ALA C 132 18.50 -15.75 5.34
C ALA C 132 19.12 -17.13 5.05
N ALA C 133 19.36 -17.43 3.77
CA ALA C 133 19.96 -18.70 3.40
C ALA C 133 21.29 -18.91 4.13
N LEU C 134 22.17 -17.91 4.08
CA LEU C 134 23.48 -17.99 4.71
C LEU C 134 23.32 -18.27 6.21
N THR C 135 22.56 -17.41 6.90
CA THR C 135 22.40 -17.52 8.34
C THR C 135 21.84 -18.90 8.70
N VAL C 136 20.75 -19.32 8.04
CA VAL C 136 20.07 -20.56 8.38
C VAL C 136 20.96 -21.78 8.16
N ALA C 137 21.73 -21.80 7.07
CA ALA C 137 22.61 -22.92 6.79
C ALA C 137 23.72 -23.02 7.85
N MET C 138 24.07 -21.89 8.47
CA MET C 138 25.09 -21.87 9.50
C MET C 138 24.48 -22.36 10.80
N THR C 139 23.44 -21.66 11.26
CA THR C 139 22.93 -21.85 12.60
C THR C 139 22.21 -23.20 12.71
N GLY C 140 21.68 -23.69 11.58
CA GLY C 140 20.82 -24.87 11.62
C GLY C 140 19.46 -24.58 12.25
N GLU C 141 19.14 -23.29 12.42
CA GLU C 141 17.85 -22.91 12.94
C GLU C 141 17.05 -22.18 11.86
N PRO C 142 15.74 -22.43 11.74
CA PRO C 142 14.93 -21.70 10.76
C PRO C 142 14.83 -20.23 11.12
N LEU C 143 14.71 -19.39 10.08
CA LEU C 143 14.56 -17.95 10.25
C LEU C 143 13.28 -17.51 9.54
N HIS C 144 12.53 -16.63 10.22
CA HIS C 144 11.26 -16.12 9.69
C HIS C 144 11.51 -14.81 8.94
N LEU C 145 11.17 -14.78 7.64
CA LEU C 145 11.32 -13.55 6.90
C LEU C 145 10.17 -12.61 7.23
N PRO C 146 10.34 -11.30 7.00
CA PRO C 146 9.23 -10.36 7.16
C PRO C 146 8.00 -10.78 6.33
N PRO C 147 6.78 -10.52 6.84
CA PRO C 147 5.55 -10.76 6.07
C PRO C 147 5.58 -10.11 4.70
N MET C 148 4.90 -10.74 3.75
CA MET C 148 5.15 -10.50 2.33
C MET C 148 3.90 -10.90 1.55
N PRO C 149 3.59 -10.22 0.43
CA PRO C 149 2.50 -10.65 -0.45
C PRO C 149 2.90 -11.91 -1.19
N PRO C 150 1.92 -12.69 -1.70
CA PRO C 150 2.23 -13.92 -2.44
C PRO C 150 3.19 -13.71 -3.60
N GLY C 151 3.02 -12.62 -4.37
CA GLY C 151 3.95 -12.27 -5.45
C GLY C 151 5.40 -12.30 -4.96
N GLU C 152 5.66 -11.58 -3.87
CA GLU C 152 6.99 -11.50 -3.29
C GLU C 152 7.41 -12.85 -2.68
N ARG C 153 6.46 -13.62 -2.13
CA ARG C 153 6.79 -14.89 -1.52
C ARG C 153 7.24 -15.89 -2.58
N ARG C 154 6.68 -15.77 -3.80
CA ARG C 154 7.06 -16.64 -4.91
C ARG C 154 8.52 -16.39 -5.28
N ILE C 155 8.93 -15.11 -5.27
CA ILE C 155 10.28 -14.76 -5.67
C ILE C 155 11.27 -15.42 -4.72
N VAL C 156 10.92 -15.48 -3.43
CA VAL C 156 11.79 -16.10 -2.44
C VAL C 156 11.87 -17.59 -2.76
N HIS C 157 10.72 -18.25 -2.89
CA HIS C 157 10.68 -19.70 -3.11
C HIS C 157 11.52 -20.05 -4.33
N MET C 158 11.29 -19.37 -5.44
CA MET C 158 11.95 -19.71 -6.69
C MET C 158 13.45 -19.54 -6.56
N LEU C 159 13.92 -18.44 -5.94
CA LEU C 159 15.34 -18.20 -5.84
C LEU C 159 16.04 -19.33 -5.06
N LEU C 160 15.38 -19.85 -4.01
CA LEU C 160 16.00 -20.84 -3.16
C LEU C 160 15.60 -22.27 -3.53
N LYS C 161 14.94 -22.47 -4.67
CA LYS C 161 14.66 -23.83 -5.15
C LYS C 161 15.99 -24.55 -5.36
N ASN C 162 15.98 -25.87 -5.14
CA ASN C 162 17.15 -26.72 -5.33
C ASN C 162 18.40 -26.07 -4.73
N HIS C 163 18.28 -25.57 -3.50
CA HIS C 163 19.39 -24.95 -2.80
C HIS C 163 20.01 -25.97 -1.87
N PRO C 164 21.32 -26.29 -2.00
CA PRO C 164 21.86 -27.49 -1.38
C PRO C 164 21.93 -27.46 0.14
N ARG C 165 21.65 -26.32 0.77
CA ARG C 165 21.73 -26.24 2.23
C ARG C 165 20.41 -25.84 2.90
N VAL C 166 19.48 -25.14 2.22
CA VAL C 166 18.25 -24.68 2.84
C VAL C 166 17.03 -24.97 1.98
N THR C 167 15.86 -24.89 2.61
CA THR C 167 14.57 -24.94 1.92
C THR C 167 13.64 -23.83 2.41
N THR C 168 12.50 -23.65 1.74
CA THR C 168 11.54 -22.64 2.14
C THR C 168 10.16 -23.26 2.37
N GLU C 169 9.38 -22.61 3.24
CA GLU C 169 7.98 -22.94 3.44
C GLU C 169 7.32 -21.79 4.21
N SER C 170 6.15 -21.37 3.73
CA SER C 170 5.44 -20.24 4.31
C SER C 170 4.71 -20.63 5.60
N GLN C 171 4.38 -19.62 6.42
CA GLN C 171 3.72 -19.83 7.69
C GLN C 171 2.86 -18.63 8.03
N GLY C 172 1.75 -18.89 8.72
CA GLY C 172 0.82 -17.82 9.11
C GLY C 172 -0.26 -17.61 8.07
N GLU C 173 -1.22 -16.74 8.40
CA GLU C 173 -2.33 -16.42 7.51
C GLU C 173 -2.39 -14.91 7.29
N GLY C 174 -3.08 -14.51 6.21
CA GLY C 174 -3.35 -13.11 5.93
C GLY C 174 -2.07 -12.29 5.77
N GLU C 175 -2.11 -11.03 6.24
CA GLU C 175 -1.02 -10.09 6.07
C GLU C 175 0.24 -10.51 6.84
N GLU C 176 0.13 -11.52 7.71
CA GLU C 176 1.28 -11.99 8.47
C GLU C 176 1.76 -13.36 7.96
N ARG C 177 1.35 -13.74 6.73
CA ARG C 177 1.94 -14.89 6.05
C ARG C 177 3.34 -14.52 5.53
N HIS C 178 4.32 -15.32 5.92
CA HIS C 178 5.72 -15.02 5.62
C HIS C 178 6.47 -16.32 5.37
N VAL C 179 7.51 -16.23 4.55
CA VAL C 179 8.34 -17.38 4.25
C VAL C 179 9.27 -17.63 5.45
N VAL C 180 9.37 -18.89 5.84
CA VAL C 180 10.41 -19.33 6.76
C VAL C 180 11.46 -20.12 5.98
N VAL C 181 12.72 -19.83 6.24
CA VAL C 181 13.82 -20.54 5.59
C VAL C 181 14.30 -21.61 6.57
N TYR C 182 14.27 -22.86 6.13
CA TYR C 182 14.62 -24.00 6.96
C TYR C 182 15.93 -24.60 6.50
N PRO C 183 16.79 -25.09 7.43
CA PRO C 183 18.01 -25.78 7.03
C PRO C 183 17.66 -27.15 6.46
N ARG C 184 18.26 -27.49 5.33
CA ARG C 184 18.10 -28.83 4.76
C ARG C 184 18.50 -29.90 5.78
N ARG C 185 19.55 -29.66 6.57
CA ARG C 185 19.88 -30.57 7.65
C ARG C 185 19.80 -29.82 8.98
N GLU C 186 18.80 -30.19 9.79
CA GLU C 186 18.45 -29.46 11.00
C GLU C 186 19.61 -29.60 11.99
N ALA C 187 19.76 -28.59 12.84
CA ALA C 187 20.63 -28.72 14.00
C ALA C 187 20.19 -29.94 14.80
N GLN C 188 21.17 -30.77 15.18
CA GLN C 188 20.87 -31.86 16.10
C GLN C 188 20.16 -31.27 17.32
N GLY C 189 20.77 -30.26 17.94
CA GLY C 189 20.19 -29.56 19.07
C GLY C 189 21.15 -29.53 20.27
#